data_5ZYW
#
_entry.id   5ZYW
#
_cell.length_a   67.997
_cell.length_b   67.997
_cell.length_c   114.841
_cell.angle_alpha   90.00
_cell.angle_beta   90.00
_cell.angle_gamma   90.00
#
_symmetry.space_group_name_H-M   'P 43 21 2'
#
loop_
_entity.id
_entity.type
_entity.pdbx_description
1 polymer 'Mitochondrial genome maintenance exonuclease 1'
2 non-polymer 'MANGANESE (II) ION'
3 non-polymer 'L(+)-TARTARIC ACID'
4 non-polymer GLYCEROL
5 water water
#
_entity_poly.entity_id   1
_entity_poly.type   'polypeptide(L)'
_entity_poly.pdbx_seq_one_letter_code
;GEDRRVPQNWFPIFNPERSDKPNASDPSVPLKIPLQRNVIPSVTRVLQQTMTKQQVFLLERWKQRMILELGEDGFKEYTS
NVFLQGKRFHEALESILSPQETLKERDENLLKSGYIESVQHILKDVSGVRALESAVQHETLNYIGLLDCVAEYQGKLCVI
DWKTSEKPKPFIQSTFDNPLQVVAYMGAMNHDTNYSFQVQCGLIVVAYKDGSPAHPHFMDAELCSQYWTKWLLRLEEYTE
KKKNQNIQKPEYSE
;
_entity_poly.pdbx_strand_id   A
#
# COMPACT_ATOMS: atom_id res chain seq x y z
N GLN A 8 -13.23 23.19 -4.44
CA GLN A 8 -12.00 23.44 -3.64
C GLN A 8 -11.70 22.28 -2.69
N ASN A 9 -12.36 22.29 -1.53
CA ASN A 9 -12.25 21.20 -0.56
C ASN A 9 -13.36 20.15 -0.78
N TRP A 10 -13.58 19.77 -2.03
CA TRP A 10 -14.56 18.73 -2.38
C TRP A 10 -14.00 17.33 -2.12
N PHE A 11 -12.69 17.16 -2.30
CA PHE A 11 -12.00 15.90 -2.02
C PHE A 11 -10.64 16.14 -1.34
N PRO A 12 -10.66 16.54 -0.04
CA PRO A 12 -9.41 16.76 0.69
C PRO A 12 -8.82 15.48 1.28
N ILE A 13 -7.49 15.39 1.32
CA ILE A 13 -6.79 14.32 2.04
C ILE A 13 -6.98 14.40 3.54
N PHE A 14 -6.97 15.62 4.07
CA PHE A 14 -7.06 15.84 5.51
C PHE A 14 -8.51 16.02 5.90
N ASN A 15 -8.86 15.54 7.09
CA ASN A 15 -10.17 15.80 7.67
C ASN A 15 -10.05 17.01 8.61
N PRO A 16 -10.67 18.15 8.22
CA PRO A 16 -10.73 19.29 9.15
C PRO A 16 -11.26 18.96 10.55
N GLU A 17 -12.26 18.08 10.63
CA GLU A 17 -12.96 17.78 11.89
C GLU A 17 -12.25 16.81 12.85
N ARG A 18 -11.22 16.11 12.38
CA ARG A 18 -10.51 15.10 13.19
C ARG A 18 -9.27 15.66 13.86
N SER A 19 -8.91 15.11 15.02
CA SER A 19 -7.73 15.51 15.77
C SER A 19 -6.47 14.92 15.14
N ASP A 20 -5.49 15.76 14.86
CA ASP A 20 -4.24 15.33 14.20
C ASP A 20 -3.37 14.49 15.13
N LYS A 21 -3.19 14.94 16.37
CA LYS A 21 -2.44 14.21 17.39
C LYS A 21 -3.21 12.96 17.84
N PRO A 22 -4.32 13.17 18.56
CA PRO A 22 -5.31 12.24 19.12
C PRO A 22 -4.69 11.00 19.77
N SER A 28 -4.35 0.38 24.19
CA SER A 28 -3.10 0.49 23.44
C SER A 28 -2.78 -0.81 22.70
N VAL A 29 -3.78 -1.35 21.99
CA VAL A 29 -3.64 -2.53 21.14
C VAL A 29 -4.17 -2.16 19.75
N PRO A 30 -3.42 -2.49 18.67
CA PRO A 30 -3.73 -1.84 17.39
C PRO A 30 -5.03 -2.31 16.73
N LEU A 31 -5.70 -1.37 16.05
CA LEU A 31 -6.91 -1.68 15.29
C LEU A 31 -6.63 -2.64 14.14
N LYS A 32 -7.46 -3.68 14.03
CA LYS A 32 -7.48 -4.53 12.86
C LYS A 32 -8.94 -4.62 12.40
N ILE A 33 -9.35 -3.64 11.60
CA ILE A 33 -10.69 -3.62 11.01
C ILE A 33 -10.71 -4.71 9.92
N PRO A 34 -11.51 -5.77 10.11
CA PRO A 34 -11.49 -6.87 9.12
C PRO A 34 -11.90 -6.44 7.71
N LEU A 35 -11.38 -7.16 6.72
CA LEU A 35 -11.74 -6.97 5.32
C LEU A 35 -12.30 -8.29 4.80
N GLN A 36 -13.35 -8.20 4.00
CA GLN A 36 -13.93 -9.35 3.34
C GLN A 36 -14.01 -9.08 1.85
N ARG A 37 -14.19 -10.15 1.10
CA ARG A 37 -14.41 -10.08 -0.34
C ARG A 37 -15.57 -9.11 -0.55
N ASN A 38 -15.35 -8.08 -1.37
CA ASN A 38 -16.33 -7.01 -1.52
C ASN A 38 -16.33 -6.46 -2.93
N VAL A 39 -17.38 -5.70 -3.25
CA VAL A 39 -17.53 -5.04 -4.56
C VAL A 39 -17.10 -3.57 -4.57
N ILE A 40 -16.42 -3.10 -3.52
CA ILE A 40 -15.89 -1.74 -3.51
C ILE A 40 -14.51 -1.78 -4.16
N PRO A 41 -14.25 -0.91 -5.16
CA PRO A 41 -12.93 -1.01 -5.81
C PRO A 41 -11.81 -0.64 -4.84
N SER A 42 -10.78 -1.47 -4.80
CA SER A 42 -9.66 -1.27 -3.90
C SER A 42 -8.64 -0.30 -4.47
N VAL A 43 -7.78 0.21 -3.60
CA VAL A 43 -6.70 1.13 -3.97
C VAL A 43 -5.77 0.52 -5.01
N THR A 44 -5.34 -0.72 -4.80
CA THR A 44 -4.45 -1.42 -5.74
C THR A 44 -5.11 -1.78 -7.05
N ARG A 45 -6.42 -2.09 -7.03
CA ARG A 45 -7.18 -2.30 -8.27
C ARG A 45 -7.23 -1.03 -9.10
N VAL A 46 -7.54 0.10 -8.45
CA VAL A 46 -7.60 1.40 -9.13
C VAL A 46 -6.27 1.72 -9.81
N LEU A 47 -5.17 1.62 -9.07
CA LEU A 47 -3.84 1.88 -9.61
C LEU A 47 -3.46 0.92 -10.73
N GLN A 48 -3.69 -0.37 -10.53
CA GLN A 48 -3.37 -1.38 -11.55
C GLN A 48 -4.09 -1.09 -12.87
N GLN A 49 -5.38 -0.80 -12.80
CA GLN A 49 -6.19 -0.65 -14.02
C GLN A 49 -5.98 0.70 -14.70
N THR A 50 -5.40 1.67 -13.99
CA THR A 50 -5.11 2.99 -14.55
C THR A 50 -3.61 3.27 -14.73
N MET A 51 -2.81 2.21 -14.83
CA MET A 51 -1.40 2.38 -15.20
C MET A 51 -1.35 2.96 -16.61
N THR A 52 -0.36 3.80 -16.88
CA THR A 52 -0.21 4.41 -18.20
C THR A 52 0.11 3.30 -19.19
N LYS A 53 -0.49 3.37 -20.39
CA LYS A 53 -0.17 2.45 -21.49
C LYS A 53 1.35 2.29 -21.73
N GLN A 54 2.11 3.35 -21.48
CA GLN A 54 3.57 3.32 -21.52
C GLN A 54 4.15 2.39 -20.44
N GLN A 55 3.60 2.47 -19.23
CA GLN A 55 3.99 1.56 -18.14
C GLN A 55 3.58 0.11 -18.41
N VAL A 56 2.36 -0.08 -18.90
CA VAL A 56 1.82 -1.40 -19.20
C VAL A 56 2.67 -2.10 -20.26
N PHE A 57 3.03 -1.36 -21.31
CA PHE A 57 3.92 -1.87 -22.36
C PHE A 57 5.28 -2.32 -21.81
N LEU A 58 5.91 -1.48 -21.00
CA LEU A 58 7.19 -1.84 -20.35
C LEU A 58 7.12 -3.13 -19.51
N LEU A 59 6.02 -3.30 -18.77
CA LEU A 59 5.86 -4.49 -17.90
C LEU A 59 5.51 -5.75 -18.69
N GLU A 60 4.62 -5.63 -19.69
CA GLU A 60 4.32 -6.74 -20.60
C GLU A 60 5.56 -7.18 -21.39
N ARG A 61 6.36 -6.21 -21.83
CA ARG A 61 7.60 -6.50 -22.57
C ARG A 61 8.58 -7.29 -21.70
N TRP A 62 8.75 -6.83 -20.47
CA TRP A 62 9.58 -7.54 -19.49
C TRP A 62 8.99 -8.91 -19.11
N LYS A 63 7.67 -9.03 -19.05
CA LYS A 63 7.02 -10.31 -18.81
C LYS A 63 7.32 -11.35 -19.91
N GLN A 64 7.22 -10.94 -21.17
CA GLN A 64 7.48 -11.86 -22.31
C GLN A 64 8.95 -12.26 -22.39
N ARG A 65 9.85 -11.33 -22.05
CA ARG A 65 11.28 -11.62 -21.95
C ARG A 65 11.56 -12.71 -20.92
N MET A 66 10.91 -12.61 -19.76
CA MET A 66 11.12 -13.54 -18.65
C MET A 66 10.52 -14.92 -18.91
N ILE A 67 9.36 -14.97 -19.55
CA ILE A 67 8.75 -16.24 -19.95
C ILE A 67 9.67 -17.00 -20.92
N LEU A 68 10.17 -16.31 -21.93
CA LEU A 68 11.11 -16.91 -22.91
C LEU A 68 12.42 -17.35 -22.26
N GLU A 69 12.97 -16.49 -21.42
CA GLU A 69 14.24 -16.74 -20.74
C GLU A 69 14.16 -17.90 -19.74
N LEU A 70 13.16 -17.87 -18.88
CA LEU A 70 13.05 -18.83 -17.78
C LEU A 70 12.23 -20.08 -18.12
N GLY A 71 11.40 -20.03 -19.16
CA GLY A 71 10.45 -21.11 -19.45
C GLY A 71 9.22 -21.03 -18.55
N GLU A 72 8.18 -21.81 -18.86
CA GLU A 72 6.94 -21.80 -18.06
C GLU A 72 7.14 -22.24 -16.61
N ASP A 73 7.99 -23.24 -16.39
CA ASP A 73 8.34 -23.67 -15.02
C ASP A 73 9.15 -22.63 -14.28
N GLY A 74 10.22 -22.14 -14.91
CA GLY A 74 11.10 -21.14 -14.30
C GLY A 74 10.38 -19.84 -14.02
N PHE A 75 9.44 -19.49 -14.89
CA PHE A 75 8.55 -18.34 -14.69
C PHE A 75 7.63 -18.54 -13.49
N LYS A 76 7.03 -19.73 -13.38
CA LYS A 76 6.18 -20.05 -12.23
C LYS A 76 6.95 -20.03 -10.92
N GLU A 77 8.16 -20.59 -10.93
CA GLU A 77 9.05 -20.57 -9.76
C GLU A 77 9.39 -19.14 -9.32
N TYR A 78 9.78 -18.31 -10.29
CA TYR A 78 10.17 -16.92 -9.98
C TYR A 78 9.00 -16.16 -9.37
N THR A 79 7.87 -16.12 -10.10
CA THR A 79 6.68 -15.37 -9.66
C THR A 79 6.15 -15.88 -8.31
N SER A 80 6.18 -17.20 -8.11
CA SER A 80 5.73 -17.79 -6.85
C SER A 80 6.56 -17.36 -5.66
N ASN A 81 7.89 -17.40 -5.82
CA ASN A 81 8.80 -17.00 -4.74
C ASN A 81 8.64 -15.53 -4.37
N VAL A 82 8.68 -14.64 -5.35
CA VAL A 82 8.56 -13.20 -5.08
C VAL A 82 7.20 -12.83 -4.46
N PHE A 83 6.14 -13.50 -4.91
CA PHE A 83 4.81 -13.29 -4.32
C PHE A 83 4.78 -13.75 -2.87
N LEU A 84 5.16 -15.00 -2.64
CA LEU A 84 5.12 -15.57 -1.30
C LEU A 84 6.07 -14.86 -0.34
N GLN A 85 7.29 -14.55 -0.79
CA GLN A 85 8.22 -13.81 0.06
C GLN A 85 7.66 -12.44 0.44
N GLY A 86 6.97 -11.78 -0.49
CA GLY A 86 6.26 -10.54 -0.20
C GLY A 86 5.21 -10.70 0.89
N LYS A 87 4.42 -11.77 0.79
CA LYS A 87 3.38 -12.04 1.76
C LYS A 87 3.95 -12.41 3.13
N ARG A 88 4.92 -13.33 3.14
CA ARG A 88 5.58 -13.76 4.39
C ARG A 88 6.23 -12.60 5.14
N PHE A 89 6.89 -11.72 4.41
CA PHE A 89 7.49 -10.50 4.98
C PHE A 89 6.43 -9.66 5.70
N HIS A 90 5.27 -9.49 5.07
CA HIS A 90 4.16 -8.73 5.65
C HIS A 90 3.55 -9.40 6.86
N GLU A 91 3.40 -10.72 6.81
CA GLU A 91 2.86 -11.48 7.94
C GLU A 91 3.81 -11.40 9.13
N ALA A 92 5.11 -11.53 8.87
CA ALA A 92 6.10 -11.42 9.92
C ALA A 92 6.00 -10.08 10.64
N LEU A 93 6.00 -8.99 9.87
CA LEU A 93 5.88 -7.64 10.46
C LEU A 93 4.58 -7.42 11.24
N GLU A 94 3.46 -7.97 10.74
CA GLU A 94 2.20 -7.91 11.47
C GLU A 94 2.29 -8.63 12.82
N SER A 95 3.01 -9.75 12.86
CA SER A 95 3.19 -10.52 14.09
C SER A 95 4.18 -9.85 15.05
N ILE A 96 5.21 -9.21 14.49
CA ILE A 96 6.19 -8.44 15.29
C ILE A 96 5.52 -7.27 16.05
N LEU A 97 4.60 -6.57 15.37
CA LEU A 97 3.99 -5.35 15.89
C LEU A 97 2.62 -5.56 16.58
N SER A 98 2.15 -6.80 16.70
CA SER A 98 0.86 -7.12 17.36
C SER A 98 1.00 -8.31 18.33
N PRO A 99 0.53 -8.16 19.60
CA PRO A 99 0.54 -9.26 20.58
C PRO A 99 -0.16 -10.55 20.12
N ASN A 109 10.80 -18.58 12.30
CA ASN A 109 10.35 -19.19 11.05
C ASN A 109 10.72 -18.32 9.85
N LEU A 110 10.22 -17.09 9.85
CA LEU A 110 10.46 -16.11 8.78
C LEU A 110 11.41 -15.00 9.22
N LEU A 111 11.94 -15.09 10.43
CA LEU A 111 12.73 -14.01 11.06
C LEU A 111 14.19 -14.01 10.61
N LYS A 112 14.64 -15.10 9.98
CA LYS A 112 15.99 -15.20 9.43
C LYS A 112 16.16 -14.58 8.03
N SER A 113 15.08 -14.04 7.45
CA SER A 113 15.14 -13.45 6.11
C SER A 113 15.95 -12.16 6.07
N GLY A 114 16.44 -11.83 4.88
CA GLY A 114 17.13 -10.56 4.64
C GLY A 114 16.21 -9.37 4.77
N TYR A 115 14.95 -9.53 4.35
CA TYR A 115 13.96 -8.45 4.44
C TYR A 115 13.75 -8.01 5.90
N ILE A 116 13.60 -8.97 6.80
CA ILE A 116 13.45 -8.69 8.23
C ILE A 116 14.70 -8.04 8.82
N GLU A 117 15.87 -8.60 8.50
CA GLU A 117 17.17 -8.00 8.87
C GLU A 117 17.27 -6.56 8.35
N SER A 118 16.82 -6.33 7.11
CA SER A 118 16.85 -5.01 6.47
C SER A 118 16.06 -3.92 7.20
N VAL A 119 14.88 -4.28 7.74
CA VAL A 119 14.01 -3.30 8.42
C VAL A 119 14.31 -3.07 9.90
N GLN A 120 15.32 -3.74 10.47
CA GLN A 120 15.62 -3.61 11.90
C GLN A 120 15.90 -2.16 12.31
N HIS A 121 16.70 -1.46 11.52
CA HIS A 121 17.04 -0.05 11.81
C HIS A 121 15.85 0.91 11.58
N ILE A 122 14.84 0.48 10.83
CA ILE A 122 13.58 1.21 10.71
C ILE A 122 12.70 0.92 11.94
N LEU A 123 12.62 -0.35 12.34
CA LEU A 123 11.75 -0.74 13.47
C LEU A 123 12.17 -0.18 14.84
N LYS A 124 13.45 0.17 14.99
CA LYS A 124 13.93 0.84 16.21
C LYS A 124 13.23 2.21 16.40
N ASP A 125 12.93 2.88 15.28
CA ASP A 125 12.30 4.21 15.27
C ASP A 125 10.78 4.18 15.09
N VAL A 126 10.15 3.01 15.20
CA VAL A 126 8.69 2.87 15.12
C VAL A 126 8.12 2.75 16.53
N SER A 127 7.01 3.45 16.76
CA SER A 127 6.35 3.44 18.06
C SER A 127 4.89 3.86 17.92
N GLY A 128 4.10 3.57 18.95
CA GLY A 128 2.69 3.96 18.98
C GLY A 128 1.90 3.42 17.81
N VAL A 129 1.96 2.10 17.64
CA VAL A 129 1.29 1.42 16.53
C VAL A 129 -0.21 1.44 16.81
N ARG A 130 -0.96 2.20 15.99
CA ARG A 130 -2.39 2.37 16.16
C ARG A 130 -3.26 1.46 15.29
N ALA A 131 -2.72 1.00 14.15
CA ALA A 131 -3.41 0.06 13.28
C ALA A 131 -2.43 -0.85 12.56
N LEU A 132 -2.89 -2.04 12.17
CA LEU A 132 -2.09 -3.02 11.44
C LEU A 132 -2.96 -3.87 10.53
N GLU A 133 -2.66 -3.86 9.22
CA GLU A 133 -3.36 -4.68 8.23
C GLU A 133 -4.86 -4.50 8.40
N SER A 134 -5.28 -3.23 8.35
CA SER A 134 -6.60 -2.82 8.76
C SER A 134 -7.29 -2.18 7.57
N ALA A 135 -8.56 -2.53 7.38
CA ALA A 135 -9.35 -2.03 6.26
C ALA A 135 -9.61 -0.53 6.40
N VAL A 136 -9.57 0.18 5.27
CA VAL A 136 -9.97 1.58 5.21
C VAL A 136 -10.90 1.77 4.02
N GLN A 137 -11.98 2.52 4.23
CA GLN A 137 -12.97 2.80 3.20
C GLN A 137 -13.33 4.28 3.24
N HIS A 138 -13.22 4.93 2.08
CA HIS A 138 -13.50 6.36 1.94
C HIS A 138 -15.01 6.55 1.72
N GLU A 139 -15.63 7.35 2.60
CA GLU A 139 -17.11 7.51 2.63
C GLU A 139 -17.69 8.29 1.44
N THR A 140 -16.95 9.30 0.97
CA THR A 140 -17.35 10.13 -0.18
C THR A 140 -16.87 9.57 -1.52
N LEU A 141 -15.60 9.16 -1.58
CA LEU A 141 -14.95 8.74 -2.83
C LEU A 141 -15.19 7.27 -3.20
N ASN A 142 -15.58 6.45 -2.22
CA ASN A 142 -16.05 5.09 -2.47
C ASN A 142 -15.00 4.15 -3.07
N TYR A 143 -13.87 4.07 -2.38
CA TYR A 143 -12.86 3.07 -2.63
C TYR A 143 -12.45 2.51 -1.28
N ILE A 144 -11.88 1.30 -1.30
CA ILE A 144 -11.51 0.57 -0.09
C ILE A 144 -10.04 0.20 -0.17
N GLY A 145 -9.44 -0.21 0.94
CA GLY A 145 -8.08 -0.70 0.92
C GLY A 145 -7.64 -1.28 2.25
N LEU A 146 -6.46 -1.88 2.25
CA LEU A 146 -5.88 -2.48 3.43
C LEU A 146 -4.50 -1.86 3.62
N LEU A 147 -4.36 -1.00 4.61
CA LEU A 147 -3.09 -0.35 4.90
C LEU A 147 -2.25 -1.30 5.76
N ASP A 148 -0.93 -1.27 5.58
CA ASP A 148 -0.05 -2.16 6.32
C ASP A 148 0.02 -1.79 7.79
N CYS A 149 0.21 -0.51 8.06
CA CYS A 149 0.51 -0.06 9.41
C CYS A 149 0.34 1.45 9.59
N VAL A 150 -0.13 1.84 10.76
CA VAL A 150 -0.20 3.23 11.19
C VAL A 150 0.52 3.33 12.52
N ALA A 151 1.60 4.12 12.54
CA ALA A 151 2.47 4.24 13.71
C ALA A 151 3.31 5.49 13.60
N GLU A 152 3.95 5.85 14.70
CA GLU A 152 4.89 6.97 14.73
C GLU A 152 6.25 6.49 14.23
N TYR A 153 6.78 7.16 13.21
CA TYR A 153 8.16 6.95 12.76
C TYR A 153 8.96 8.19 13.11
N GLN A 154 9.89 8.05 14.05
CA GLN A 154 10.66 9.16 14.62
C GLN A 154 9.72 10.25 15.17
N GLY A 155 8.72 9.80 15.94
CA GLY A 155 7.74 10.68 16.58
C GLY A 155 6.58 11.20 15.73
N LYS A 156 6.61 10.96 14.42
CA LYS A 156 5.63 11.52 13.47
C LYS A 156 4.69 10.40 12.99
N LEU A 157 3.38 10.57 13.26
CA LEU A 157 2.38 9.56 12.91
C LEU A 157 2.20 9.49 11.41
N CYS A 158 2.18 8.27 10.87
CA CYS A 158 2.02 8.08 9.42
C CYS A 158 1.49 6.71 9.02
N VAL A 159 0.89 6.66 7.84
CA VAL A 159 0.60 5.42 7.15
C VAL A 159 1.92 4.92 6.58
N ILE A 160 2.35 3.75 7.06
CA ILE A 160 3.56 3.09 6.57
C ILE A 160 3.14 1.97 5.62
N ASP A 161 3.84 1.85 4.49
CA ASP A 161 3.70 0.68 3.64
C ASP A 161 5.04 0.04 3.37
N TRP A 162 5.17 -1.22 3.79
CA TRP A 162 6.39 -1.98 3.65
C TRP A 162 6.44 -2.48 2.22
N LYS A 163 7.62 -2.43 1.62
CA LYS A 163 7.86 -2.96 0.28
C LYS A 163 9.09 -3.85 0.27
N THR A 164 9.03 -4.90 -0.54
CA THR A 164 10.18 -5.75 -0.81
C THR A 164 10.88 -5.26 -2.07
N SER A 165 12.21 -5.22 -2.04
CA SER A 165 13.02 -4.83 -3.19
C SER A 165 12.73 -5.63 -4.45
N GLU A 166 12.40 -6.91 -4.27
CA GLU A 166 11.82 -7.71 -5.35
C GLU A 166 10.31 -7.56 -5.28
N LYS A 167 9.72 -6.99 -6.33
CA LYS A 167 8.28 -6.76 -6.37
C LYS A 167 7.53 -8.08 -6.28
N PRO A 168 6.52 -8.16 -5.41
CA PRO A 168 5.73 -9.39 -5.29
C PRO A 168 4.80 -9.70 -6.47
N LYS A 169 4.33 -8.66 -7.18
CA LYS A 169 3.54 -8.83 -8.42
C LYS A 169 4.17 -7.95 -9.50
N PRO A 170 5.36 -8.37 -9.99
CA PRO A 170 6.24 -7.49 -10.75
C PRO A 170 5.71 -7.03 -12.11
N PHE A 171 4.81 -7.78 -12.73
CA PHE A 171 4.32 -7.46 -14.07
C PHE A 171 3.00 -6.67 -14.08
N ILE A 172 2.44 -6.39 -12.91
CA ILE A 172 1.21 -5.56 -12.79
C ILE A 172 1.32 -4.44 -11.74
N GLN A 173 2.54 -4.14 -11.28
CA GLN A 173 2.79 -3.13 -10.27
C GLN A 173 3.90 -2.24 -10.75
N SER A 174 3.81 -0.96 -10.40
CA SER A 174 4.92 -0.04 -10.60
C SER A 174 5.30 0.51 -9.23
N THR A 175 6.57 0.37 -8.89
CA THR A 175 7.15 0.99 -7.71
C THR A 175 6.90 2.50 -7.65
N PHE A 176 6.81 3.14 -8.82
CA PHE A 176 6.63 4.58 -8.88
C PHE A 176 5.21 5.03 -8.51
N ASP A 177 4.27 4.08 -8.45
CA ASP A 177 2.93 4.32 -7.85
C ASP A 177 2.85 4.20 -6.33
N ASN A 178 3.94 3.81 -5.66
CA ASN A 178 3.90 3.57 -4.22
C ASN A 178 3.48 4.80 -3.38
N PRO A 179 3.93 6.01 -3.75
CA PRO A 179 3.42 7.21 -3.03
C PRO A 179 1.91 7.41 -3.15
N LEU A 180 1.34 7.08 -4.31
CA LEU A 180 -0.10 7.19 -4.53
C LEU A 180 -0.90 6.23 -3.67
N GLN A 181 -0.38 5.01 -3.48
CA GLN A 181 -1.02 4.00 -2.64
C GLN A 181 -1.09 4.46 -1.19
N VAL A 182 -0.01 5.06 -0.71
CA VAL A 182 0.06 5.56 0.66
C VAL A 182 -0.95 6.68 0.88
N VAL A 183 -0.95 7.67 -0.02
CA VAL A 183 -1.90 8.81 0.10
C VAL A 183 -3.38 8.38 -0.04
N ALA A 184 -3.63 7.37 -0.87
CA ALA A 184 -4.96 6.76 -0.97
C ALA A 184 -5.43 6.18 0.36
N TYR A 185 -4.54 5.49 1.07
CA TYR A 185 -4.89 4.89 2.36
C TYR A 185 -5.16 5.95 3.44
N MET A 186 -4.25 6.90 3.57
CA MET A 186 -4.41 7.99 4.56
C MET A 186 -5.67 8.83 4.29
N GLY A 187 -5.92 9.17 3.03
CA GLY A 187 -7.16 9.84 2.65
C GLY A 187 -8.40 9.04 3.04
N ALA A 188 -8.41 7.75 2.69
CA ALA A 188 -9.49 6.84 3.05
C ALA A 188 -9.71 6.77 4.55
N MET A 189 -8.61 6.55 5.29
CA MET A 189 -8.66 6.48 6.75
C MET A 189 -9.19 7.77 7.39
N ASN A 190 -8.77 8.92 6.85
CA ASN A 190 -9.23 10.22 7.35
C ASN A 190 -10.73 10.49 7.10
N HIS A 191 -11.33 9.76 6.16
CA HIS A 191 -12.76 9.86 5.89
C HIS A 191 -13.47 8.51 6.08
N ASP A 192 -13.18 7.88 7.21
CA ASP A 192 -13.71 6.56 7.56
C ASP A 192 -14.11 6.59 9.04
N THR A 193 -15.41 6.43 9.29
CA THR A 193 -15.96 6.55 10.66
C THR A 193 -15.45 5.49 11.65
N ASN A 194 -14.88 4.39 11.13
CA ASN A 194 -14.18 3.41 11.98
C ASN A 194 -12.88 3.94 12.62
N TYR A 195 -12.32 5.03 12.08
CA TYR A 195 -11.13 5.67 12.64
C TYR A 195 -11.48 7.04 13.21
N SER A 196 -11.15 7.24 14.49
CA SER A 196 -11.46 8.47 15.22
C SER A 196 -10.32 9.50 15.22
N PHE A 197 -9.18 9.14 14.62
CA PHE A 197 -8.04 10.05 14.51
C PHE A 197 -7.72 10.36 13.06
N GLN A 198 -6.83 11.33 12.86
CA GLN A 198 -6.36 11.73 11.54
C GLN A 198 -4.90 11.32 11.39
N VAL A 199 -4.46 11.17 10.15
CA VAL A 199 -3.04 10.94 9.84
C VAL A 199 -2.63 11.92 8.73
N GLN A 200 -1.52 12.62 8.95
CA GLN A 200 -1.07 13.69 8.06
C GLN A 200 0.18 13.35 7.23
N CYS A 201 0.95 12.34 7.64
CA CYS A 201 2.19 11.96 6.95
C CYS A 201 2.13 10.52 6.41
N GLY A 202 3.04 10.22 5.48
CA GLY A 202 3.17 8.89 4.89
C GLY A 202 4.61 8.43 4.93
N LEU A 203 4.81 7.11 4.90
CA LEU A 203 6.13 6.53 4.86
C LEU A 203 6.13 5.26 4.01
N ILE A 204 7.06 5.19 3.06
CA ILE A 204 7.33 3.97 2.30
C ILE A 204 8.66 3.43 2.76
N VAL A 205 8.70 2.12 3.05
CA VAL A 205 9.90 1.44 3.49
C VAL A 205 10.24 0.32 2.50
N VAL A 206 11.38 0.43 1.86
CA VAL A 206 11.87 -0.60 0.95
C VAL A 206 12.89 -1.47 1.69
N ALA A 207 12.50 -2.70 2.01
CA ALA A 207 13.40 -3.70 2.59
C ALA A 207 14.13 -4.45 1.46
N TYR A 208 15.43 -4.67 1.63
CA TYR A 208 16.25 -5.34 0.63
C TYR A 208 16.46 -6.81 0.94
N LYS A 209 16.37 -7.66 -0.10
CA LYS A 209 16.47 -9.11 0.05
C LYS A 209 17.82 -9.57 0.61
N ASP A 210 18.89 -8.83 0.35
CA ASP A 210 20.23 -9.20 0.83
C ASP A 210 20.58 -8.76 2.27
N GLY A 211 19.64 -8.13 2.98
CA GLY A 211 19.86 -7.68 4.36
C GLY A 211 20.43 -6.28 4.54
N SER A 212 20.75 -5.61 3.43
CA SER A 212 21.19 -4.21 3.44
C SER A 212 20.14 -3.34 4.13
N PRO A 213 20.56 -2.24 4.80
CA PRO A 213 19.59 -1.40 5.53
C PRO A 213 18.45 -0.87 4.65
N ALA A 214 17.22 -0.95 5.17
CA ALA A 214 16.03 -0.51 4.43
C ALA A 214 16.01 0.99 4.23
N HIS A 215 15.43 1.41 3.11
CA HIS A 215 15.34 2.82 2.76
C HIS A 215 13.96 3.36 3.15
N PRO A 216 13.92 4.40 4.01
CA PRO A 216 12.67 5.10 4.29
C PRO A 216 12.48 6.30 3.36
N HIS A 217 11.30 6.42 2.79
CA HIS A 217 10.91 7.60 2.02
C HIS A 217 9.76 8.25 2.79
N PHE A 218 10.14 9.16 3.70
CA PHE A 218 9.15 9.86 4.53
C PHE A 218 8.48 10.98 3.72
N MET A 219 7.17 11.08 3.86
CA MET A 219 6.36 12.06 3.13
C MET A 219 5.62 12.93 4.13
N ASP A 220 5.99 14.20 4.21
CA ASP A 220 5.31 15.16 5.08
C ASP A 220 3.93 15.55 4.51
N ALA A 221 3.16 16.31 5.29
CA ALA A 221 1.81 16.74 4.90
C ALA A 221 1.75 17.41 3.55
N GLU A 222 2.72 18.28 3.26
CA GLU A 222 2.80 18.99 1.98
C GLU A 222 2.97 18.05 0.79
N LEU A 223 3.90 17.10 0.91
CA LEU A 223 4.17 16.13 -0.16
C LEU A 223 2.99 15.17 -0.37
N CYS A 224 2.38 14.72 0.73
CA CYS A 224 1.17 13.89 0.66
C CYS A 224 0.03 14.56 -0.13
N SER A 225 -0.17 15.86 0.11
CA SER A 225 -1.16 16.67 -0.62
C SER A 225 -0.86 16.75 -2.12
N GLN A 226 0.42 16.88 -2.46
CA GLN A 226 0.83 16.89 -3.86
C GLN A 226 0.50 15.56 -4.55
N TYR A 227 0.85 14.45 -3.90
CA TYR A 227 0.56 13.10 -4.44
C TYR A 227 -0.94 12.75 -4.40
N TRP A 228 -1.66 13.24 -3.41
CA TRP A 228 -3.12 13.05 -3.31
C TRP A 228 -3.86 13.55 -4.55
N THR A 229 -3.46 14.72 -5.03
CA THR A 229 -3.97 15.28 -6.28
C THR A 229 -3.78 14.32 -7.44
N LYS A 230 -2.60 13.71 -7.52
CA LYS A 230 -2.33 12.70 -8.54
C LYS A 230 -3.18 11.43 -8.34
N TRP A 231 -3.40 11.02 -7.10
CA TRP A 231 -4.30 9.89 -6.79
C TRP A 231 -5.73 10.13 -7.28
N LEU A 232 -6.28 11.33 -7.03
CA LEU A 232 -7.63 11.68 -7.50
C LEU A 232 -7.77 11.64 -9.01
N LEU A 233 -6.71 12.05 -9.71
CA LEU A 233 -6.65 11.92 -11.18
C LEU A 233 -6.69 10.45 -11.63
N ARG A 234 -6.04 9.57 -10.87
CA ARG A 234 -6.12 8.12 -11.15
C ARG A 234 -7.51 7.55 -10.82
N LEU A 235 -8.09 7.98 -9.69
CA LEU A 235 -9.39 7.51 -9.23
C LEU A 235 -10.52 7.94 -10.16
N GLU A 236 -10.48 9.19 -10.62
CA GLU A 236 -11.46 9.68 -11.60
C GLU A 236 -11.31 8.98 -12.96
N GLU A 237 -10.06 8.79 -13.40
CA GLU A 237 -9.77 8.04 -14.63
C GLU A 237 -10.33 6.61 -14.60
N TYR A 238 -10.33 6.00 -13.42
CA TYR A 238 -10.94 4.68 -13.22
C TYR A 238 -12.47 4.75 -13.30
N THR A 239 -13.07 5.68 -12.57
CA THR A 239 -14.53 5.85 -12.55
C THR A 239 -15.10 6.56 -13.80
N GLU A 240 -14.23 7.10 -14.65
CA GLU A 240 -14.62 7.58 -15.98
C GLU A 240 -15.03 6.45 -16.93
N LYS A 241 -14.49 5.24 -16.71
CA LYS A 241 -14.79 4.07 -17.55
C LYS A 241 -16.21 3.56 -17.35
N LYS A 242 -16.75 2.93 -18.37
CA LYS A 242 -18.14 2.47 -18.40
C LYS A 242 -18.35 1.22 -17.53
N LYS A 243 -17.48 0.23 -17.72
CA LYS A 243 -17.51 -1.06 -16.98
C LYS A 243 -17.44 -0.93 -15.45
N ASN A 244 -16.76 0.10 -14.95
CA ASN A 244 -16.65 0.35 -13.50
C ASN A 244 -17.86 1.05 -12.89
N GLN A 245 -18.80 1.50 -13.72
CA GLN A 245 -20.12 1.98 -13.26
C GLN A 245 -21.00 0.81 -12.81
N ASN A 246 -20.92 -0.31 -13.54
CA ASN A 246 -21.50 -1.57 -13.08
C ASN A 246 -20.80 -2.01 -11.79
N ILE A 247 -21.46 -2.91 -11.07
CA ILE A 247 -20.93 -3.41 -9.81
C ILE A 247 -19.91 -4.49 -10.14
N GLN A 248 -18.68 -4.34 -9.65
CA GLN A 248 -17.63 -5.34 -9.89
C GLN A 248 -17.96 -6.66 -9.23
N LYS A 249 -17.31 -7.72 -9.71
CA LYS A 249 -17.32 -9.00 -9.01
C LYS A 249 -16.53 -8.88 -7.71
N PRO A 250 -16.94 -9.61 -6.66
CA PRO A 250 -16.30 -9.38 -5.37
C PRO A 250 -14.86 -9.89 -5.34
N GLU A 251 -13.97 -9.13 -4.70
CA GLU A 251 -12.63 -9.61 -4.41
C GLU A 251 -12.06 -9.02 -3.12
N TYR A 252 -11.14 -9.77 -2.53
CA TYR A 252 -10.31 -9.29 -1.43
C TYR A 252 -9.03 -8.74 -2.06
N SER A 253 -8.83 -7.43 -1.94
CA SER A 253 -7.69 -6.75 -2.56
C SER A 253 -7.27 -5.57 -1.70
N GLU A 254 -5.96 -5.34 -1.58
CA GLU A 254 -5.44 -4.32 -0.68
C GLU A 254 -5.57 -2.91 -1.26
#